data_2QZ7
#
_entry.id   2QZ7
#
_cell.length_a   67.821
_cell.length_b   67.821
_cell.length_c   170.866
_cell.angle_alpha   90.00
_cell.angle_beta   90.00
_cell.angle_gamma   90.00
#
_symmetry.space_group_name_H-M   'P 41 21 2'
#
loop_
_entity.id
_entity.type
_entity.pdbx_description
1 polymer 'Uncharacterized protein SCO6318'
2 non-polymer 'SODIUM ION'
3 non-polymer 1,2-ETHANEDIOL
4 water water
#
_entity_poly.entity_id   1
_entity_poly.type   'polypeptide(L)'
_entity_poly.pdbx_seq_one_letter_code
;GH(MSE)SRRGLEREGGKPVSSDAKGLKRVDVRLKWDPSPWDRPPHHLDIIATTYAADAPHGRPVYVVQFDKRSPDGTIN
(MSE)SRHSRTGQGFGFVEE(MSE)TFELDRLSPSIARVIVGVAIHQDNGHKTFDDVSNTGVVVAEGYRELLTDGFERVA
GATAATVAEFTRNASGAWEFREAVRGFDSDPVLFATE(MSE)GSAPRPGS
;
_entity_poly.pdbx_strand_id   A,B
#
loop_
_chem_comp.id
_chem_comp.type
_chem_comp.name
_chem_comp.formula
EDO non-polymer 1,2-ETHANEDIOL 'C2 H6 O2'
NA non-polymer 'SODIUM ION' 'Na 1'
#
# COMPACT_ATOMS: atom_id res chain seq x y z
N GLY A 22 -0.82 12.86 6.20
CA GLY A 22 0.06 11.75 6.68
C GLY A 22 -0.30 10.41 6.09
N LEU A 23 -0.03 9.34 6.84
CA LEU A 23 -0.29 7.97 6.38
C LEU A 23 -1.74 7.64 6.51
N LYS A 24 -2.27 6.92 5.53
CA LYS A 24 -3.69 6.69 5.53
C LYS A 24 -3.92 5.26 5.77
N ARG A 25 -3.14 4.43 5.09
CA ARG A 25 -3.24 3.01 5.26
C ARG A 25 -1.83 2.44 5.15
N VAL A 26 -1.57 1.39 5.88
CA VAL A 26 -0.24 0.84 5.98
C VAL A 26 -0.38 -0.66 6.12
N ASP A 27 0.59 -1.41 5.63
CA ASP A 27 0.58 -2.86 5.86
C ASP A 27 1.94 -3.37 6.31
N VAL A 28 1.90 -4.52 6.97
CA VAL A 28 3.06 -5.16 7.49
C VAL A 28 3.00 -6.59 6.97
N ARG A 29 4.06 -7.02 6.30
CA ARG A 29 4.13 -8.41 5.79
C ARG A 29 5.33 -9.09 6.40
N LEU A 30 5.17 -10.37 6.71
CA LEU A 30 6.18 -11.13 7.42
C LEU A 30 6.48 -12.48 6.72
N LYS A 31 7.77 -12.82 6.57
CA LYS A 31 8.19 -14.13 6.02
C LYS A 31 9.13 -14.79 7.00
N TRP A 32 9.22 -16.12 6.93
CA TRP A 32 10.19 -16.95 7.65
C TRP A 32 10.18 -18.38 7.14
N ASP A 33 11.30 -19.08 7.29
CA ASP A 33 11.33 -20.48 6.85
C ASP A 33 10.80 -21.42 7.93
N PRO A 34 10.14 -22.51 7.50
CA PRO A 34 9.65 -23.50 8.46
C PRO A 34 10.82 -24.32 9.02
N SER A 35 10.55 -25.17 10.04
CA SER A 35 11.63 -25.85 10.70
C SER A 35 11.96 -27.22 10.05
N PRO A 36 13.20 -27.67 10.24
CA PRO A 36 13.58 -29.03 9.83
C PRO A 36 12.60 -30.08 10.35
N TRP A 37 12.44 -31.16 9.56
CA TRP A 37 11.66 -32.35 10.00
C TRP A 37 12.11 -32.83 11.38
N ASP A 38 13.39 -32.42 11.72
CA ASP A 38 14.04 -32.67 13.00
C ASP A 38 13.38 -31.91 14.19
N ARG A 39 12.62 -30.82 13.92
CA ARG A 39 12.15 -29.92 14.98
C ARG A 39 10.64 -29.46 14.93
N PRO A 40 10.04 -29.21 16.13
CA PRO A 40 8.72 -28.52 16.26
C PRO A 40 8.60 -27.23 15.42
N PRO A 41 7.37 -26.87 14.99
CA PRO A 41 7.13 -25.73 14.09
C PRO A 41 7.69 -24.40 14.57
N HIS A 42 8.00 -23.54 13.61
CA HIS A 42 8.33 -22.17 13.88
C HIS A 42 7.05 -21.32 13.73
N HIS A 43 6.52 -20.84 14.86
CA HIS A 43 5.29 -20.08 14.90
C HIS A 43 5.63 -18.64 15.28
N LEU A 44 5.51 -17.76 14.29
CA LEU A 44 5.71 -16.31 14.43
C LEU A 44 4.40 -15.62 14.16
N ASP A 45 4.18 -14.54 14.92
CA ASP A 45 2.97 -13.72 14.78
C ASP A 45 3.33 -12.27 14.65
N ILE A 46 2.69 -11.63 13.67
CA ILE A 46 2.62 -10.16 13.71
C ILE A 46 1.62 -9.80 14.80
N ILE A 47 1.99 -8.86 15.66
CA ILE A 47 1.11 -8.42 16.74
C ILE A 47 1.12 -6.91 16.75
N ALA A 48 -0.05 -6.27 16.90
CA ALA A 48 -0.11 -4.81 17.10
C ALA A 48 -0.96 -4.46 18.31
N THR A 49 -0.68 -3.29 18.89
CA THR A 49 -1.47 -2.71 19.99
C THR A 49 -1.73 -1.28 19.71
N THR A 50 -2.85 -0.80 20.22
CA THR A 50 -3.27 0.59 20.08
C THR A 50 -3.26 1.20 21.49
N TYR A 51 -3.07 2.53 21.52
CA TYR A 51 -2.89 3.33 22.75
C TYR A 51 -3.75 4.60 22.67
N ALA A 52 -4.42 4.89 23.78
CA ALA A 52 -5.28 6.07 23.96
C ALA A 52 -4.48 7.36 23.88
N ALA A 53 -5.10 8.39 23.29
CA ALA A 53 -4.55 9.74 23.29
C ALA A 53 -4.12 10.17 24.69
N ASP A 54 -4.97 9.92 25.69
CA ASP A 54 -4.58 10.30 27.08
C ASP A 54 -3.51 9.42 27.73
N ALA A 55 -3.12 8.31 27.11
CA ALA A 55 -2.06 7.45 27.66
C ALA A 55 -1.31 6.71 26.55
N PRO A 56 -0.40 7.40 25.84
CA PRO A 56 0.24 6.81 24.66
C PRO A 56 1.13 5.62 24.97
N HIS A 57 1.67 5.60 26.20
CA HIS A 57 2.54 4.52 26.64
C HIS A 57 1.90 3.67 27.79
N GLY A 58 0.61 3.87 28.05
CA GLY A 58 -0.12 3.04 29.00
C GLY A 58 -0.44 1.61 28.55
N ARG A 59 -1.48 1.04 29.13
CA ARG A 59 -1.97 -0.27 28.73
C ARG A 59 -2.49 -0.16 27.33
N PRO A 60 -2.35 -1.25 26.55
CA PRO A 60 -2.98 -1.28 25.24
C PRO A 60 -4.50 -1.09 25.38
N VAL A 61 -5.10 -0.42 24.38
CA VAL A 61 -6.57 -0.32 24.31
C VAL A 61 -7.03 -1.68 23.76
N TYR A 62 -6.31 -2.21 22.78
CA TYR A 62 -6.57 -3.60 22.40
C TYR A 62 -5.36 -4.19 21.70
N VAL A 63 -5.35 -5.52 21.55
CA VAL A 63 -4.28 -6.26 20.92
C VAL A 63 -4.82 -6.86 19.64
N VAL A 64 -4.02 -6.83 18.56
CA VAL A 64 -4.45 -7.39 17.29
C VAL A 64 -3.43 -8.46 16.89
N GLN A 65 -3.92 -9.64 16.54
CA GLN A 65 -3.05 -10.75 16.07
C GLN A 65 -3.95 -11.79 15.39
N PHE A 66 -3.39 -12.91 14.93
CA PHE A 66 -4.17 -13.87 14.13
C PHE A 66 -5.44 -14.33 14.81
N ASP A 67 -5.42 -14.50 16.13
CA ASP A 67 -6.58 -15.04 16.84
C ASP A 67 -7.40 -13.94 17.58
N LYS A 68 -7.12 -12.65 17.32
CA LYS A 68 -7.84 -11.53 17.97
C LYS A 68 -8.02 -10.38 16.97
N ARG A 69 -9.22 -10.16 16.42
CA ARG A 69 -9.43 -9.02 15.50
C ARG A 69 -9.50 -7.67 16.26
N SER A 70 -9.21 -6.56 15.55
CA SER A 70 -9.47 -5.22 16.09
C SER A 70 -10.99 -5.07 16.34
N PRO A 71 -11.39 -4.48 17.47
CA PRO A 71 -12.84 -4.41 17.70
C PRO A 71 -13.56 -3.40 16.80
N ASP A 72 -12.80 -2.56 16.13
CA ASP A 72 -13.32 -1.42 15.41
C ASP A 72 -13.31 -1.72 13.92
N GLY A 73 -12.75 -2.88 13.54
CA GLY A 73 -12.67 -3.30 12.14
C GLY A 73 -11.66 -2.56 11.27
N THR A 74 -10.76 -1.81 11.88
CA THR A 74 -9.86 -0.95 11.11
C THR A 74 -8.57 -1.63 10.73
N ILE A 75 -8.32 -2.81 11.32
CA ILE A 75 -7.13 -3.62 11.05
C ILE A 75 -7.55 -5.06 10.62
N ASN A 76 -6.94 -5.58 9.56
CA ASN A 76 -7.33 -6.86 8.98
C ASN A 76 -6.06 -7.64 8.77
N MSE A 77 -6.18 -8.96 8.76
CA MSE A 77 -5.13 -9.88 8.34
C MSE A 77 -5.70 -10.76 7.24
O MSE A 77 -6.55 -11.62 7.51
CB MSE A 77 -4.67 -10.74 9.51
CG MSE A 77 -4.07 -9.89 10.68
SE MSE A 77 -3.28 -11.04 12.00
CE MSE A 77 -1.55 -11.32 11.10
N SER A 78 -5.25 -10.59 6.00
CA SER A 78 -5.71 -11.50 4.94
C SER A 78 -4.99 -12.85 4.95
N ARG A 79 -3.86 -12.95 5.66
CA ARG A 79 -3.21 -14.23 5.81
C ARG A 79 -2.35 -14.27 7.02
N HIS A 80 -2.13 -15.50 7.53
CA HIS A 80 -1.34 -15.70 8.73
C HIS A 80 -0.85 -17.13 8.77
N SER A 81 0.21 -17.41 9.52
CA SER A 81 0.75 -18.76 9.49
C SER A 81 1.27 -19.19 10.82
N ARG A 82 1.05 -20.46 11.16
CA ARG A 82 1.58 -20.97 12.42
C ARG A 82 2.80 -21.83 12.20
N THR A 83 3.34 -21.79 10.98
CA THR A 83 4.47 -22.68 10.58
C THR A 83 5.55 -22.01 9.72
N GLY A 84 5.20 -20.96 8.97
CA GLY A 84 6.05 -20.45 7.89
C GLY A 84 6.25 -21.45 6.75
N GLN A 85 5.33 -22.38 6.54
CA GLN A 85 5.49 -23.42 5.48
C GLN A 85 5.52 -22.85 4.06
N GLY A 86 4.63 -21.89 3.81
CA GLY A 86 4.61 -21.23 2.50
C GLY A 86 5.85 -20.38 2.16
N PHE A 87 5.90 -20.00 0.91
CA PHE A 87 6.98 -19.22 0.35
C PHE A 87 6.53 -17.74 0.30
N GLY A 88 7.51 -16.83 0.33
CA GLY A 88 7.26 -15.41 0.41
C GLY A 88 6.64 -14.96 1.71
N PHE A 89 5.86 -13.88 1.65
CA PHE A 89 5.18 -13.33 2.83
C PHE A 89 3.99 -14.14 3.24
N VAL A 90 4.14 -14.87 4.33
CA VAL A 90 3.12 -15.80 4.74
C VAL A 90 2.10 -15.20 5.73
N GLU A 91 2.34 -13.97 6.19
CA GLU A 91 1.45 -13.37 7.15
C GLU A 91 1.42 -11.88 6.89
N GLU A 92 0.27 -11.25 7.05
CA GLU A 92 0.22 -9.82 6.79
C GLU A 92 -0.84 -9.16 7.66
N MSE A 93 -0.62 -7.89 7.97
CA MSE A 93 -1.58 -7.11 8.72
C MSE A 93 -1.68 -5.74 8.04
O MSE A 93 -0.68 -5.04 7.85
CB MSE A 93 -1.08 -6.92 10.17
CG MSE A 93 -2.14 -6.23 11.09
SE MSE A 93 -1.61 -6.06 12.91
CE MSE A 93 -1.75 -7.92 13.37
N THR A 94 -2.91 -5.37 7.67
CA THR A 94 -3.17 -4.04 7.08
C THR A 94 -3.89 -3.08 8.06
N PHE A 95 -3.42 -1.83 8.17
CA PHE A 95 -4.02 -0.83 9.03
C PHE A 95 -4.62 0.28 8.22
N GLU A 96 -5.87 0.61 8.51
CA GLU A 96 -6.49 1.76 7.92
C GLU A 96 -6.44 2.76 9.03
N LEU A 97 -5.25 3.35 9.20
CA LEU A 97 -4.95 4.35 10.25
C LEU A 97 -5.94 5.51 10.29
N ASP A 98 -6.31 6.01 9.11
CA ASP A 98 -7.20 7.15 8.99
C ASP A 98 -8.60 6.87 9.54
N ARG A 99 -8.92 5.59 9.78
CA ARG A 99 -10.24 5.19 10.27
C ARG A 99 -10.29 4.88 11.76
N LEU A 100 -9.14 4.97 12.43
CA LEU A 100 -9.06 4.85 13.89
C LEU A 100 -9.70 6.03 14.58
N SER A 101 -10.42 5.73 15.67
CA SER A 101 -10.99 6.73 16.61
C SER A 101 -9.97 7.81 16.91
N PRO A 102 -10.40 9.09 17.03
CA PRO A 102 -9.48 10.15 17.47
C PRO A 102 -8.87 9.86 18.84
N SER A 103 -9.60 9.15 19.68
CA SER A 103 -9.11 8.77 20.99
C SER A 103 -7.93 7.74 20.97
N ILE A 104 -7.61 7.15 19.82
CA ILE A 104 -6.39 6.32 19.68
C ILE A 104 -5.33 7.15 18.93
N ALA A 105 -4.16 7.32 19.54
CA ALA A 105 -3.16 8.22 18.98
C ALA A 105 -1.81 7.58 18.74
N ARG A 106 -1.70 6.30 19.08
CA ARG A 106 -0.46 5.57 18.88
C ARG A 106 -0.76 4.10 18.61
N VAL A 107 -0.02 3.55 17.63
CA VAL A 107 -0.07 2.15 17.30
C VAL A 107 1.36 1.61 17.25
N ILE A 108 1.60 0.45 17.84
CA ILE A 108 2.87 -0.19 17.65
C ILE A 108 2.74 -1.59 17.15
N VAL A 109 3.58 -1.94 16.18
CA VAL A 109 3.47 -3.30 15.60
C VAL A 109 4.82 -3.98 15.74
N GLY A 110 4.79 -5.27 16.00
CA GLY A 110 5.99 -6.07 16.18
C GLY A 110 5.74 -7.53 15.76
N VAL A 111 6.73 -8.34 16.02
CA VAL A 111 6.71 -9.74 15.65
C VAL A 111 7.17 -10.53 16.87
N ALA A 112 6.40 -11.56 17.20
CA ALA A 112 6.73 -12.44 18.32
C ALA A 112 6.93 -13.90 17.89
N ILE A 113 7.92 -14.56 18.48
CA ILE A 113 8.15 -15.98 18.26
C ILE A 113 7.53 -16.75 19.40
N HIS A 114 6.75 -17.79 19.09
CA HIS A 114 6.26 -18.71 20.14
C HIS A 114 7.36 -19.47 20.85
N GLN A 115 7.18 -19.60 22.16
CA GLN A 115 8.25 -20.08 23.02
C GLN A 115 7.93 -21.45 23.62
N ASP A 116 6.82 -22.04 23.23
CA ASP A 116 6.31 -23.25 23.89
C ASP A 116 7.07 -24.53 23.56
N ASN A 117 7.94 -24.47 22.55
CA ASN A 117 8.83 -25.57 22.25
C ASN A 117 10.27 -25.26 22.66
N GLY A 118 10.44 -24.38 23.64
CA GLY A 118 11.76 -23.96 24.11
C GLY A 118 12.15 -22.55 23.69
N HIS A 119 13.17 -22.00 24.37
CA HIS A 119 13.70 -20.66 24.11
C HIS A 119 14.14 -20.45 22.66
N LYS A 120 13.42 -19.59 21.93
CA LYS A 120 13.68 -19.44 20.49
C LYS A 120 13.74 -17.96 20.05
N THR A 121 14.85 -17.60 19.39
CA THR A 121 15.09 -16.21 19.00
C THR A 121 15.06 -16.07 17.47
N PHE A 122 15.17 -14.83 16.98
CA PHE A 122 15.18 -14.53 15.55
C PHE A 122 16.38 -15.16 14.83
N ASP A 123 17.47 -15.34 15.59
CA ASP A 123 18.69 -15.99 15.09
C ASP A 123 18.52 -17.48 14.85
N ASP A 124 17.61 -18.12 15.60
CA ASP A 124 17.23 -19.53 15.43
C ASP A 124 16.33 -19.82 14.21
N VAL A 125 15.84 -18.79 13.52
CA VAL A 125 14.83 -18.96 12.46
C VAL A 125 15.34 -18.32 11.16
N SER A 126 15.45 -19.11 10.09
CA SER A 126 16.08 -18.61 8.85
C SER A 126 15.16 -17.78 7.95
N ASN A 127 15.76 -16.76 7.35
CA ASN A 127 15.07 -15.88 6.43
C ASN A 127 13.84 -15.24 7.02
N THR A 128 13.99 -14.80 8.27
CA THR A 128 12.98 -13.99 8.92
C THR A 128 13.08 -12.61 8.32
N GLY A 129 11.94 -12.09 7.85
CA GLY A 129 11.91 -10.75 7.23
C GLY A 129 10.57 -10.05 7.39
N VAL A 130 10.62 -8.74 7.47
CA VAL A 130 9.41 -7.93 7.56
C VAL A 130 9.52 -6.75 6.58
N VAL A 131 8.38 -6.33 6.03
CA VAL A 131 8.32 -5.12 5.23
C VAL A 131 7.11 -4.30 5.67
N VAL A 132 7.36 -3.02 5.96
CA VAL A 132 6.33 -2.08 6.33
C VAL A 132 6.17 -1.09 5.16
N ALA A 133 4.96 -0.91 4.66
CA ALA A 133 4.77 -0.02 3.49
C ALA A 133 3.48 0.74 3.55
N GLU A 134 3.43 1.87 2.85
CA GLU A 134 2.15 2.51 2.53
C GLU A 134 1.89 2.31 1.03
N GLY A 135 1.03 1.34 0.69
CA GLY A 135 0.86 0.98 -0.71
C GLY A 135 2.21 0.61 -1.29
N TYR A 136 2.58 1.31 -2.35
CA TYR A 136 3.89 1.16 -2.97
C TYR A 136 5.08 1.96 -2.39
N ARG A 137 4.87 2.72 -1.31
CA ARG A 137 5.97 3.40 -0.63
C ARG A 137 6.54 2.55 0.50
N GLU A 138 7.75 2.01 0.30
CA GLU A 138 8.40 1.22 1.33
C GLU A 138 8.76 2.08 2.53
N LEU A 139 8.34 1.66 3.72
CA LEU A 139 8.71 2.38 4.96
C LEU A 139 9.88 1.73 5.68
N LEU A 140 9.87 0.41 5.75
CA LEU A 140 10.92 -0.33 6.43
C LEU A 140 11.00 -1.72 5.82
N THR A 141 12.23 -2.21 5.59
CA THR A 141 12.54 -3.65 5.37
C THR A 141 13.58 -4.07 6.41
N ASP A 142 13.36 -5.19 7.10
CA ASP A 142 14.29 -5.69 8.12
C ASP A 142 14.38 -7.22 8.19
N GLY A 143 15.57 -7.73 8.49
CA GLY A 143 15.77 -9.16 8.71
C GLY A 143 16.01 -9.55 10.15
N PHE A 144 15.77 -8.61 11.07
CA PHE A 144 15.89 -8.82 12.52
C PHE A 144 17.32 -9.11 13.01
N GLU A 145 18.30 -8.69 12.21
CA GLU A 145 19.70 -8.91 12.54
C GLU A 145 20.08 -8.19 13.82
N ARG A 146 19.52 -7.01 14.02
CA ARG A 146 19.83 -6.19 15.19
C ARG A 146 19.26 -6.76 16.49
N VAL A 147 18.30 -7.67 16.35
CA VAL A 147 17.60 -8.27 17.47
C VAL A 147 17.68 -9.81 17.39
N ALA A 148 18.84 -10.31 16.96
CA ALA A 148 19.09 -11.75 16.79
C ALA A 148 18.81 -12.56 18.06
N GLY A 149 19.17 -12.00 19.22
CA GLY A 149 18.94 -12.66 20.51
C GLY A 149 17.53 -12.57 21.12
N ALA A 150 16.62 -11.87 20.45
CA ALA A 150 15.30 -11.58 21.00
C ALA A 150 14.28 -12.66 20.67
N THR A 151 13.29 -12.83 21.55
CA THR A 151 12.17 -13.74 21.31
C THR A 151 11.01 -13.02 20.60
N ALA A 152 11.04 -11.70 20.71
CA ALA A 152 10.02 -10.85 20.15
C ALA A 152 10.65 -9.49 19.87
N ALA A 153 10.05 -8.72 18.97
CA ALA A 153 10.57 -7.37 18.63
C ALA A 153 9.50 -6.43 18.11
N THR A 154 9.54 -5.18 18.55
CA THR A 154 8.71 -4.15 17.87
C THR A 154 9.45 -3.83 16.57
N VAL A 155 8.73 -3.41 15.52
CA VAL A 155 9.37 -2.98 14.29
C VAL A 155 8.99 -1.53 13.89
N ALA A 156 7.76 -1.08 14.23
CA ALA A 156 7.28 0.23 13.71
C ALA A 156 6.31 0.88 14.67
N GLU A 157 6.36 2.21 14.72
CA GLU A 157 5.45 2.98 15.54
C GLU A 157 4.68 3.95 14.64
N PHE A 158 3.35 4.01 14.78
CA PHE A 158 2.55 5.06 14.15
C PHE A 158 1.96 5.93 15.25
N THR A 159 2.09 7.26 15.09
CA THR A 159 1.58 8.25 16.05
C THR A 159 0.95 9.40 15.28
N ARG A 160 -0.04 10.04 15.90
CA ARG A 160 -0.70 11.23 15.31
C ARG A 160 0.06 12.56 15.57
N ASN A 161 0.03 13.41 14.54
CA ASN A 161 0.46 14.81 14.64
C ASN A 161 -0.40 15.65 15.58
N ALA A 162 0.03 16.90 15.77
CA ALA A 162 -0.85 17.92 16.32
C ALA A 162 -2.06 18.08 15.38
N SER A 163 -1.80 18.09 14.07
CA SER A 163 -2.88 18.18 13.08
C SER A 163 -3.63 16.85 12.89
N GLY A 164 -3.15 15.80 13.55
CA GLY A 164 -3.88 14.53 13.62
C GLY A 164 -3.44 13.54 12.58
N ALA A 165 -2.56 13.96 11.67
CA ALA A 165 -2.01 13.04 10.67
C ALA A 165 -1.05 12.02 11.29
N TRP A 166 -1.17 10.78 10.82
CA TRP A 166 -0.31 9.66 11.18
C TRP A 166 1.08 9.68 10.57
N GLU A 167 2.07 9.47 11.43
CA GLU A 167 3.45 9.40 11.03
C GLU A 167 4.08 8.07 11.44
N PHE A 168 5.09 7.64 10.67
CA PHE A 168 5.77 6.39 10.91
C PHE A 168 7.11 6.68 11.57
N ARG A 169 7.52 5.78 12.45
CA ARG A 169 8.89 5.76 12.92
C ARG A 169 9.34 4.33 13.00
N GLU A 170 10.56 4.08 12.54
CA GLU A 170 11.20 2.82 12.73
C GLU A 170 11.36 2.60 14.24
N ALA A 171 10.95 1.43 14.74
CA ALA A 171 11.07 1.18 16.17
C ALA A 171 11.43 -0.28 16.37
N VAL A 172 12.59 -0.66 15.86
CA VAL A 172 13.09 -2.04 15.98
C VAL A 172 13.78 -2.19 17.33
N ARG A 173 13.17 -2.95 18.23
CA ARG A 173 13.68 -3.09 19.60
C ARG A 173 13.40 -4.52 20.03
N GLY A 174 14.40 -5.20 20.59
CA GLY A 174 14.23 -6.59 21.00
C GLY A 174 13.65 -6.76 22.41
N PHE A 175 12.95 -7.87 22.63
CA PHE A 175 12.37 -8.22 23.94
C PHE A 175 12.61 -9.71 24.20
N ASP A 176 12.34 -10.16 25.44
CA ASP A 176 12.68 -11.53 25.85
C ASP A 176 11.46 -12.36 26.26
N SER A 177 10.29 -11.80 26.05
CA SER A 177 9.04 -12.33 26.52
C SER A 177 8.36 -13.26 25.49
N ASP A 178 7.41 -14.07 25.95
CA ASP A 178 6.54 -14.83 25.03
C ASP A 178 5.49 -13.91 24.41
N PRO A 179 4.76 -14.40 23.38
CA PRO A 179 3.83 -13.50 22.67
C PRO A 179 2.82 -12.75 23.55
N VAL A 180 2.22 -13.42 24.54
CA VAL A 180 1.19 -12.78 25.36
C VAL A 180 1.82 -11.68 26.28
N LEU A 181 2.93 -12.04 26.91
CA LEU A 181 3.64 -11.07 27.73
C LEU A 181 4.15 -9.88 26.91
N PHE A 182 4.69 -10.16 25.72
CA PHE A 182 5.20 -9.13 24.78
C PHE A 182 4.14 -8.07 24.51
N ALA A 183 2.92 -8.52 24.29
CA ALA A 183 1.86 -7.55 23.97
C ALA A 183 1.63 -6.57 25.10
N THR A 184 1.75 -7.03 26.34
CA THR A 184 1.62 -6.13 27.52
C THR A 184 2.73 -5.09 27.69
N GLU A 185 3.88 -5.34 27.09
CA GLU A 185 5.06 -4.50 27.35
C GLU A 185 5.60 -3.82 26.11
N MSE A 186 5.09 -4.23 24.92
CA MSE A 186 5.64 -3.71 23.65
C MSE A 186 5.42 -2.20 23.52
O MSE A 186 6.14 -1.55 22.77
CB MSE A 186 5.03 -4.42 22.44
CG MSE A 186 3.58 -4.11 22.23
SE MSE A 186 2.72 -5.29 20.86
CE MSE A 186 3.81 -4.84 19.32
N GLY A 187 4.42 -1.64 24.21
CA GLY A 187 4.15 -0.20 24.11
C GLY A 187 4.77 0.65 25.20
N SER A 188 5.45 0.02 26.15
CA SER A 188 5.98 0.79 27.27
C SER A 188 7.14 1.69 26.79
N ALA A 189 7.25 2.85 27.44
CA ALA A 189 8.36 3.78 27.22
C ALA A 189 9.72 3.07 27.32
N PRO A 190 10.57 3.15 26.26
CA PRO A 190 11.93 2.60 26.33
C PRO A 190 12.83 3.35 27.33
N ARG A 191 14.02 2.84 27.58
CA ARG A 191 14.96 3.60 28.40
C ARG A 191 15.80 4.59 27.57
N PRO A 192 15.92 5.85 28.05
CA PRO A 192 16.62 6.92 27.29
C PRO A 192 18.09 6.58 26.99
N GLY A 193 18.48 6.64 25.72
CA GLY A 193 19.84 6.26 25.31
C GLY A 193 19.91 5.65 23.92
N GLY B 22 -4.47 -10.43 -26.81
CA GLY B 22 -3.56 -9.43 -27.46
C GLY B 22 -2.54 -8.95 -26.45
N LEU B 23 -2.88 -7.87 -25.74
CA LEU B 23 -1.98 -7.26 -24.77
C LEU B 23 -1.64 -8.17 -23.59
N LYS B 24 -0.36 -8.18 -23.22
CA LYS B 24 0.08 -8.97 -22.07
C LYS B 24 0.48 -8.05 -20.92
N ARG B 25 1.50 -7.24 -21.15
CA ARG B 25 2.18 -6.52 -20.09
C ARG B 25 2.27 -5.11 -20.59
N VAL B 26 1.32 -4.26 -20.17
CA VAL B 26 1.28 -2.86 -20.57
C VAL B 26 1.74 -1.94 -19.43
N ASP B 27 2.20 -0.76 -19.78
CA ASP B 27 2.50 0.18 -18.72
C ASP B 27 2.08 1.59 -19.05
N VAL B 28 1.94 2.40 -17.98
CA VAL B 28 1.58 3.79 -18.05
C VAL B 28 2.63 4.58 -17.31
N ARG B 29 3.21 5.55 -18.00
CA ARG B 29 4.26 6.36 -17.42
C ARG B 29 3.84 7.82 -17.44
N LEU B 30 4.17 8.55 -16.38
CA LEU B 30 3.64 9.94 -16.24
C LEU B 30 4.79 10.87 -15.87
N LYS B 31 4.85 12.04 -16.51
CA LYS B 31 5.85 13.04 -16.13
C LYS B 31 5.12 14.37 -15.88
N TRP B 32 5.69 15.21 -15.00
CA TRP B 32 5.24 16.59 -14.77
C TRP B 32 6.28 17.30 -13.95
N ASP B 33 6.31 18.62 -14.04
CA ASP B 33 7.29 19.43 -13.24
C ASP B 33 6.68 19.97 -11.94
N PRO B 34 7.53 20.24 -10.93
CA PRO B 34 7.09 20.90 -9.70
C PRO B 34 6.37 22.24 -9.93
N SER B 35 5.51 22.61 -8.98
CA SER B 35 4.86 23.89 -9.00
C SER B 35 5.90 25.02 -8.84
N PRO B 36 5.47 26.26 -9.14
CA PRO B 36 6.32 27.41 -8.83
C PRO B 36 6.74 27.37 -7.36
N TRP B 37 7.94 27.87 -7.04
CA TRP B 37 8.46 27.87 -5.66
C TRP B 37 7.47 28.43 -4.59
N ASP B 38 6.75 29.51 -4.94
CA ASP B 38 5.81 30.17 -4.03
C ASP B 38 4.34 29.63 -4.05
N ARG B 39 4.15 28.44 -4.58
CA ARG B 39 2.85 27.79 -4.64
C ARG B 39 2.87 26.41 -3.92
N PRO B 40 1.68 25.90 -3.51
CA PRO B 40 1.60 24.51 -2.98
C PRO B 40 2.08 23.47 -4.03
N PRO B 41 2.56 22.29 -3.59
CA PRO B 41 3.04 21.28 -4.55
C PRO B 41 2.04 20.86 -5.62
N HIS B 42 2.58 20.36 -6.74
CA HIS B 42 1.76 19.73 -7.77
C HIS B 42 1.80 18.23 -7.50
N HIS B 43 0.71 17.66 -6.99
CA HIS B 43 0.62 16.23 -6.70
C HIS B 43 -0.34 15.58 -7.70
N LEU B 44 0.24 14.80 -8.62
CA LEU B 44 -0.51 14.01 -9.59
C LEU B 44 -0.27 12.54 -9.27
N ASP B 45 -1.30 11.71 -9.43
CA ASP B 45 -1.22 10.26 -9.28
C ASP B 45 -1.76 9.53 -10.50
N ILE B 46 -1.05 8.49 -10.93
CA ILE B 46 -1.67 7.46 -11.76
C ILE B 46 -2.64 6.64 -10.90
N ILE B 47 -3.87 6.47 -11.41
CA ILE B 47 -4.90 5.68 -10.73
C ILE B 47 -5.51 4.70 -11.72
N ALA B 48 -5.67 3.45 -11.29
CA ALA B 48 -6.41 2.49 -12.07
C ALA B 48 -7.55 1.85 -11.28
N THR B 49 -8.58 1.40 -11.99
CA THR B 49 -9.71 0.68 -11.41
C THR B 49 -9.94 -0.57 -12.27
N THR B 50 -10.38 -1.67 -11.65
CA THR B 50 -10.67 -2.91 -12.36
C THR B 50 -12.18 -3.17 -12.28
N TYR B 51 -12.77 -3.80 -13.31
CA TYR B 51 -14.22 -4.09 -13.33
C TYR B 51 -14.57 -5.56 -13.68
N ALA B 52 -15.61 -6.08 -13.03
CA ALA B 52 -15.98 -7.48 -13.20
C ALA B 52 -16.66 -7.75 -14.56
N ALA B 53 -16.46 -8.96 -15.08
CA ALA B 53 -17.09 -9.37 -16.33
C ALA B 53 -18.59 -9.24 -16.17
N ASP B 54 -19.07 -9.63 -14.99
CA ASP B 54 -20.44 -9.36 -14.51
C ASP B 54 -20.95 -7.96 -14.86
N ALA B 55 -20.23 -6.95 -14.40
CA ALA B 55 -20.67 -5.57 -14.51
C ALA B 55 -19.53 -4.68 -15.01
N PRO B 56 -19.29 -4.67 -16.34
CA PRO B 56 -18.10 -4.00 -16.87
C PRO B 56 -18.12 -2.51 -16.53
N HIS B 57 -19.32 -1.97 -16.40
CA HIS B 57 -19.52 -0.57 -16.07
C HIS B 57 -20.13 -0.37 -14.68
N GLY B 58 -19.95 -1.37 -13.82
CA GLY B 58 -20.35 -1.26 -12.41
C GLY B 58 -19.34 -0.49 -11.59
N ARG B 59 -19.34 -0.75 -10.28
CA ARG B 59 -18.38 -0.13 -9.38
C ARG B 59 -17.05 -0.87 -9.46
N PRO B 60 -15.94 -0.17 -9.18
CA PRO B 60 -14.63 -0.85 -9.20
C PRO B 60 -14.56 -2.09 -8.29
N VAL B 61 -13.90 -3.14 -8.79
CA VAL B 61 -13.54 -4.30 -7.97
C VAL B 61 -12.46 -3.84 -6.99
N TYR B 62 -11.49 -3.09 -7.49
CA TYR B 62 -10.50 -2.42 -6.63
C TYR B 62 -9.84 -1.22 -7.33
N VAL B 63 -9.11 -0.45 -6.55
CA VAL B 63 -8.43 0.73 -7.06
C VAL B 63 -6.92 0.58 -6.78
N VAL B 64 -6.10 0.99 -7.74
CA VAL B 64 -4.64 1.00 -7.56
C VAL B 64 -4.12 2.42 -7.70
N GLN B 65 -3.21 2.78 -6.80
CA GLN B 65 -2.55 4.08 -6.79
C GLN B 65 -1.41 3.95 -5.81
N PHE B 66 -0.60 5.01 -5.65
CA PHE B 66 0.69 4.93 -4.92
C PHE B 66 0.55 4.40 -3.50
N ASP B 67 -0.58 4.70 -2.88
CA ASP B 67 -0.86 4.28 -1.49
C ASP B 67 -1.83 3.10 -1.40
N LYS B 68 -2.26 2.54 -2.54
CA LYS B 68 -3.00 1.23 -2.53
C LYS B 68 -2.48 0.25 -3.57
N ARG B 69 -1.94 -0.88 -3.11
CA ARG B 69 -1.41 -1.91 -3.99
C ARG B 69 -2.56 -2.76 -4.47
N SER B 70 -2.37 -3.38 -5.64
CA SER B 70 -3.35 -4.26 -6.22
C SER B 70 -3.42 -5.45 -5.23
N PRO B 71 -4.60 -6.05 -5.01
CA PRO B 71 -4.68 -7.20 -4.09
C PRO B 71 -4.07 -8.49 -4.64
N ASP B 72 -3.97 -8.60 -5.97
CA ASP B 72 -3.40 -9.82 -6.57
C ASP B 72 -1.94 -9.69 -6.98
N GLY B 73 -1.37 -8.49 -6.83
CA GLY B 73 0.04 -8.28 -7.17
C GLY B 73 0.31 -8.24 -8.67
N THR B 74 -0.75 -8.19 -9.48
CA THR B 74 -0.64 -8.13 -10.95
C THR B 74 -0.41 -6.71 -11.49
N ILE B 75 -0.55 -5.72 -10.61
CA ILE B 75 -0.33 -4.32 -10.99
C ILE B 75 0.66 -3.73 -9.97
N ASN B 76 1.74 -3.13 -10.48
CA ASN B 76 2.76 -2.63 -9.63
CA ASN B 76 2.87 -2.64 -9.66
C ASN B 76 3.18 -1.20 -10.00
N MSE B 77 3.78 -0.48 -9.07
CA MSE B 77 4.33 0.82 -9.36
C MSE B 77 5.77 0.85 -8.90
O MSE B 77 6.05 0.81 -7.70
CB MSE B 77 3.52 1.94 -8.69
CG MSE B 77 2.04 1.88 -8.93
SE MSE B 77 1.25 3.49 -8.21
CE MSE B 77 1.89 4.75 -9.54
N SER B 78 6.70 0.93 -9.85
CA SER B 78 8.13 0.97 -9.51
C SER B 78 8.59 2.37 -9.10
N ARG B 79 7.80 3.39 -9.43
CA ARG B 79 8.09 4.74 -8.91
C ARG B 79 6.84 5.61 -8.88
N HIS B 80 6.88 6.67 -8.09
CA HIS B 80 5.75 7.61 -7.95
C HIS B 80 6.22 8.86 -7.28
N SER B 81 5.43 9.93 -7.33
CA SER B 81 5.86 11.21 -6.75
C SER B 81 4.70 12.07 -6.29
N ARG B 82 4.87 12.78 -5.19
CA ARG B 82 3.87 13.71 -4.71
C ARG B 82 4.17 15.14 -5.12
N THR B 83 5.22 15.35 -5.90
CA THR B 83 5.72 16.71 -6.26
C THR B 83 6.06 16.88 -7.73
N GLY B 84 6.43 15.79 -8.39
CA GLY B 84 6.93 15.87 -9.76
C GLY B 84 8.42 16.14 -9.88
N GLN B 85 9.13 16.19 -8.75
CA GLN B 85 10.58 16.44 -8.77
C GLN B 85 11.38 15.39 -9.52
N GLY B 86 12.14 15.85 -10.53
CA GLY B 86 13.04 15.01 -11.34
C GLY B 86 12.54 15.01 -12.79
N PHE B 87 13.44 15.22 -13.75
CA PHE B 87 13.10 15.13 -15.17
C PHE B 87 12.74 13.68 -15.56
N GLY B 88 12.04 13.53 -16.69
CA GLY B 88 11.59 12.23 -17.13
C GLY B 88 10.36 11.69 -16.39
N PHE B 89 10.06 10.43 -16.63
CA PHE B 89 8.90 9.82 -16.04
C PHE B 89 9.08 9.58 -14.56
N VAL B 90 8.29 10.25 -13.72
CA VAL B 90 8.54 10.17 -12.24
C VAL B 90 7.52 9.24 -11.57
N GLU B 91 6.55 8.77 -12.36
CA GLU B 91 5.51 7.87 -11.87
C GLU B 91 5.17 6.84 -12.96
N GLU B 92 5.08 5.57 -12.60
CA GLU B 92 4.76 4.52 -13.56
C GLU B 92 3.93 3.40 -12.91
N MSE B 93 3.07 2.80 -13.72
CA MSE B 93 2.26 1.70 -13.25
C MSE B 93 2.30 0.63 -14.36
O MSE B 93 2.13 0.95 -15.52
CB MSE B 93 0.82 2.19 -12.95
CG MSE B 93 -0.10 1.07 -12.45
SE MSE B 93 -1.92 1.66 -12.02
CE MSE B 93 -1.46 2.91 -10.58
N THR B 94 2.59 -0.60 -13.98
CA THR B 94 2.74 -1.73 -14.92
C THR B 94 1.59 -2.73 -14.67
N PHE B 95 0.99 -3.23 -15.74
CA PHE B 95 -0.15 -4.10 -15.63
C PHE B 95 0.18 -5.43 -16.32
N GLU B 96 0.24 -6.51 -15.57
CA GLU B 96 0.32 -7.84 -16.14
CA GLU B 96 0.32 -7.83 -16.18
C GLU B 96 -1.10 -8.34 -16.44
N LEU B 97 -1.71 -7.79 -17.50
CA LEU B 97 -3.11 -8.04 -17.87
C LEU B 97 -3.43 -9.52 -18.02
N ASP B 98 -2.49 -10.24 -18.65
CA ASP B 98 -2.55 -11.69 -18.85
C ASP B 98 -2.65 -12.48 -17.54
N ARG B 99 -2.21 -11.89 -16.43
CA ARG B 99 -2.30 -12.57 -15.13
C ARG B 99 -3.56 -12.25 -14.29
N LEU B 100 -4.32 -11.23 -14.72
CA LEU B 100 -5.57 -10.85 -14.04
C LEU B 100 -6.59 -11.98 -13.99
N SER B 101 -7.38 -12.03 -12.91
CA SER B 101 -8.42 -13.06 -12.73
C SER B 101 -9.39 -13.07 -13.91
N PRO B 102 -9.86 -14.26 -14.35
CA PRO B 102 -10.81 -14.27 -15.47
C PRO B 102 -12.04 -13.37 -15.26
N SER B 103 -12.43 -13.17 -14.01
CA SER B 103 -13.64 -12.41 -13.66
C SER B 103 -13.53 -10.90 -13.89
N ILE B 104 -12.33 -10.41 -14.21
CA ILE B 104 -12.10 -8.99 -14.48
C ILE B 104 -12.03 -8.80 -15.99
N ALA B 105 -12.89 -7.95 -16.53
CA ALA B 105 -13.00 -7.85 -17.95
C ALA B 105 -12.67 -6.44 -18.46
N ARG B 106 -12.36 -5.54 -17.55
CA ARG B 106 -12.13 -4.14 -17.91
C ARG B 106 -11.20 -3.48 -16.90
N VAL B 107 -10.21 -2.75 -17.41
CA VAL B 107 -9.37 -1.87 -16.59
C VAL B 107 -9.44 -0.44 -17.17
N ILE B 108 -9.61 0.57 -16.30
CA ILE B 108 -9.50 1.99 -16.69
C ILE B 108 -8.33 2.62 -15.97
N VAL B 109 -7.47 3.36 -16.68
CA VAL B 109 -6.41 4.10 -16.02
C VAL B 109 -6.51 5.59 -16.31
N GLY B 110 -6.19 6.40 -15.32
CA GLY B 110 -6.29 7.86 -15.44
C GLY B 110 -5.26 8.54 -14.56
N VAL B 111 -5.32 9.86 -14.51
CA VAL B 111 -4.31 10.65 -13.80
C VAL B 111 -5.12 11.74 -13.11
N ALA B 112 -4.95 11.86 -11.80
CA ALA B 112 -5.66 12.83 -11.02
C ALA B 112 -4.68 13.78 -10.33
N ILE B 113 -5.06 15.04 -10.26
CA ILE B 113 -4.32 16.09 -9.60
C ILE B 113 -5.01 16.36 -8.27
N HIS B 114 -4.23 16.48 -7.20
CA HIS B 114 -4.80 16.66 -5.87
C HIS B 114 -5.28 18.10 -5.74
N GLN B 115 -6.49 18.24 -5.21
CA GLN B 115 -7.19 19.51 -5.13
C GLN B 115 -7.07 20.09 -3.72
N ASP B 116 -6.13 19.47 -3.01
CA ASP B 116 -5.73 19.74 -1.64
C ASP B 116 -5.69 21.22 -1.30
N ASN B 117 -4.97 22.00 -2.11
CA ASN B 117 -4.81 23.43 -1.83
C ASN B 117 -5.33 24.32 -2.96
N GLY B 118 -6.57 24.05 -3.38
CA GLY B 118 -7.22 24.88 -4.38
C GLY B 118 -7.30 24.24 -5.75
N HIS B 119 -8.22 24.76 -6.56
CA HIS B 119 -8.50 24.24 -7.90
C HIS B 119 -7.23 24.28 -8.78
N LYS B 120 -6.89 23.13 -9.37
CA LYS B 120 -5.63 22.98 -10.12
C LYS B 120 -5.89 22.03 -11.29
N THR B 121 -5.50 22.45 -12.49
CA THR B 121 -5.86 21.71 -13.67
C THR B 121 -4.56 21.37 -14.49
N PHE B 122 -4.67 20.51 -15.51
CA PHE B 122 -3.46 19.99 -16.20
C PHE B 122 -2.67 21.11 -16.88
N ASP B 123 -3.39 22.18 -17.19
CA ASP B 123 -2.86 23.33 -17.92
C ASP B 123 -2.21 24.34 -16.95
N ASP B 124 -2.24 24.03 -15.66
CA ASP B 124 -1.46 24.76 -14.65
C ASP B 124 -0.10 24.10 -14.44
N VAL B 125 0.06 22.89 -14.93
CA VAL B 125 1.21 22.05 -14.57
C VAL B 125 2.17 21.90 -15.76
N SER B 126 3.43 22.26 -15.52
CA SER B 126 4.50 22.28 -16.54
C SER B 126 4.85 20.87 -17.11
N ASN B 127 4.91 20.73 -18.43
CA ASN B 127 5.44 19.49 -19.03
C ASN B 127 4.75 18.21 -18.51
N THR B 128 3.42 18.26 -18.39
CA THR B 128 2.65 17.07 -18.09
C THR B 128 2.64 16.18 -19.33
N GLY B 129 2.95 14.90 -19.14
CA GLY B 129 3.02 13.98 -20.27
C GLY B 129 2.72 12.58 -19.80
N VAL B 130 1.93 11.85 -20.58
CA VAL B 130 1.68 10.44 -20.29
C VAL B 130 2.02 9.56 -21.50
N VAL B 131 2.54 8.36 -21.25
CA VAL B 131 2.75 7.37 -22.33
C VAL B 131 2.17 6.01 -21.86
N VAL B 132 1.32 5.44 -22.71
CA VAL B 132 0.75 4.10 -22.53
C VAL B 132 1.41 3.25 -23.58
N ALA B 133 1.99 2.13 -23.18
CA ALA B 133 2.75 1.34 -24.14
C ALA B 133 2.68 -0.16 -23.83
N GLU B 134 2.80 -0.99 -24.84
CA GLU B 134 3.17 -2.37 -24.61
C GLU B 134 4.66 -2.54 -24.93
N GLY B 135 5.54 -2.50 -23.94
CA GLY B 135 7.00 -2.54 -24.22
C GLY B 135 7.31 -1.33 -25.10
N TYR B 136 7.86 -1.55 -26.29
CA TYR B 136 8.17 -0.44 -27.23
C TYR B 136 7.00 -0.11 -28.20
N ARG B 137 5.87 -0.78 -28.03
CA ARG B 137 4.70 -0.55 -28.88
C ARG B 137 3.94 0.60 -28.28
N GLU B 138 4.02 1.77 -28.90
CA GLU B 138 3.36 2.95 -28.37
C GLU B 138 1.84 2.83 -28.52
N LEU B 139 1.09 2.93 -27.44
CA LEU B 139 -0.36 2.89 -27.56
C LEU B 139 -0.94 4.32 -27.52
N LEU B 140 -0.35 5.16 -26.68
CA LEU B 140 -0.80 6.54 -26.59
C LEU B 140 0.31 7.43 -26.01
N THR B 141 0.55 8.56 -26.64
CA THR B 141 1.40 9.59 -26.05
C THR B 141 0.57 10.88 -25.96
N ASP B 142 0.46 11.48 -24.79
CA ASP B 142 -0.40 12.65 -24.67
C ASP B 142 0.15 13.72 -23.72
N GLY B 143 0.02 15.00 -24.11
CA GLY B 143 0.39 16.12 -23.25
C GLY B 143 -0.75 16.76 -22.45
N PHE B 144 -1.94 16.15 -22.48
CA PHE B 144 -3.14 16.58 -21.73
C PHE B 144 -3.75 17.87 -22.25
N GLU B 145 -3.40 18.27 -23.49
CA GLU B 145 -3.90 19.55 -24.01
C GLU B 145 -5.40 19.54 -24.07
N ARG B 146 -5.97 18.42 -24.48
CA ARG B 146 -7.44 18.31 -24.67
C ARG B 146 -8.23 18.37 -23.37
N VAL B 147 -7.55 18.15 -22.24
CA VAL B 147 -8.19 18.21 -20.93
C VAL B 147 -7.66 19.41 -20.10
N ALA B 148 -7.24 20.48 -20.80
CA ALA B 148 -7.01 21.74 -20.15
C ALA B 148 -8.33 22.05 -19.39
N GLY B 149 -8.19 22.45 -18.13
CA GLY B 149 -9.33 22.86 -17.33
C GLY B 149 -9.87 21.73 -16.48
N ALA B 150 -9.36 20.52 -16.74
CA ALA B 150 -9.76 19.35 -15.99
C ALA B 150 -8.84 19.12 -14.77
N THR B 151 -9.44 18.61 -13.68
CA THR B 151 -8.82 18.22 -12.41
C THR B 151 -8.22 16.77 -12.46
N ALA B 152 -8.80 15.96 -13.32
CA ALA B 152 -8.43 14.57 -13.52
C ALA B 152 -8.85 14.17 -14.91
N ALA B 153 -8.26 13.08 -15.42
CA ALA B 153 -8.60 12.62 -16.75
C ALA B 153 -8.35 11.12 -16.81
N THR B 154 -9.31 10.37 -17.35
CA THR B 154 -9.01 9.04 -17.85
C THR B 154 -8.07 9.18 -19.03
N VAL B 155 -7.27 8.15 -19.27
CA VAL B 155 -6.37 8.14 -20.41
C VAL B 155 -6.55 6.84 -21.24
N ALA B 156 -6.89 5.72 -20.61
CA ALA B 156 -6.91 4.46 -21.38
C ALA B 156 -7.84 3.45 -20.81
N GLU B 157 -8.40 2.63 -21.69
CA GLU B 157 -9.29 1.55 -21.30
C GLU B 157 -8.81 0.26 -21.92
N PHE B 158 -8.63 -0.76 -21.07
CA PHE B 158 -8.31 -2.13 -21.50
C PHE B 158 -9.50 -3.02 -21.21
N THR B 159 -9.93 -3.77 -22.21
CA THR B 159 -11.06 -4.67 -22.09
C THR B 159 -10.74 -6.04 -22.69
N ARG B 160 -11.28 -7.09 -22.06
CA ARG B 160 -11.23 -8.43 -22.63
C ARG B 160 -12.19 -8.46 -23.81
N ASN B 161 -11.76 -9.02 -24.93
CA ASN B 161 -12.72 -9.25 -25.99
C ASN B 161 -13.25 -10.66 -25.82
N ALA B 162 -14.26 -11.03 -26.62
CA ALA B 162 -14.92 -12.35 -26.48
C ALA B 162 -13.97 -13.54 -26.62
N SER B 163 -12.77 -13.28 -27.13
CA SER B 163 -11.72 -14.31 -27.16
C SER B 163 -10.92 -14.36 -25.85
N GLY B 164 -11.20 -13.44 -24.93
CA GLY B 164 -10.48 -13.37 -23.64
C GLY B 164 -9.23 -12.51 -23.72
N ALA B 165 -8.92 -12.09 -24.95
CA ALA B 165 -7.73 -11.29 -25.26
C ALA B 165 -7.90 -9.81 -24.86
N TRP B 166 -6.82 -9.21 -24.35
CA TRP B 166 -6.86 -7.82 -23.90
C TRP B 166 -6.62 -6.82 -25.03
N GLU B 167 -7.50 -5.83 -25.09
CA GLU B 167 -7.47 -4.76 -26.10
C GLU B 167 -7.35 -3.38 -25.46
N PHE B 168 -6.64 -2.46 -26.12
CA PHE B 168 -6.53 -1.08 -25.72
C PHE B 168 -7.50 -0.19 -26.50
N ARG B 169 -8.13 0.76 -25.81
CA ARG B 169 -8.74 1.94 -26.46
C ARG B 169 -8.29 3.21 -25.78
N GLU B 170 -8.01 4.24 -26.56
CA GLU B 170 -7.69 5.53 -26.05
C GLU B 170 -8.94 6.10 -25.34
N ALA B 171 -8.78 6.68 -24.15
CA ALA B 171 -9.95 7.08 -23.36
C ALA B 171 -9.68 8.38 -22.65
N VAL B 172 -9.05 9.31 -23.37
CA VAL B 172 -8.71 10.61 -22.83
C VAL B 172 -10.00 11.45 -22.65
N ARG B 173 -10.43 11.66 -21.40
CA ARG B 173 -11.66 12.41 -21.11
C ARG B 173 -11.42 13.17 -19.80
N GLY B 174 -11.78 14.45 -19.78
CA GLY B 174 -11.57 15.27 -18.61
C GLY B 174 -12.69 15.15 -17.58
N PHE B 175 -12.31 15.21 -16.30
CA PHE B 175 -13.25 15.21 -15.17
C PHE B 175 -12.95 16.41 -14.28
N ASP B 176 -13.84 16.72 -13.32
CA ASP B 176 -13.69 17.90 -12.45
CA ASP B 176 -13.62 17.90 -12.45
C ASP B 176 -13.60 17.55 -10.94
N SER B 177 -13.45 16.27 -10.64
CA SER B 177 -13.49 15.77 -9.27
C SER B 177 -12.10 15.68 -8.67
N ASP B 178 -12.01 15.55 -7.34
CA ASP B 178 -10.73 15.27 -6.65
C ASP B 178 -10.36 13.79 -6.77
N PRO B 179 -9.14 13.39 -6.35
CA PRO B 179 -8.69 12.03 -6.61
C PRO B 179 -9.53 10.87 -6.03
N VAL B 180 -10.22 11.11 -4.91
CA VAL B 180 -11.10 10.11 -4.29
C VAL B 180 -12.40 9.91 -5.10
N LEU B 181 -13.09 11.01 -5.41
CA LEU B 181 -14.30 10.97 -6.21
C LEU B 181 -14.00 10.51 -7.65
N PHE B 182 -12.88 10.97 -8.21
CA PHE B 182 -12.44 10.49 -9.54
C PHE B 182 -12.43 8.97 -9.66
N ALA B 183 -11.82 8.29 -8.69
CA ALA B 183 -11.75 6.82 -8.71
C ALA B 183 -13.15 6.19 -8.86
N THR B 184 -14.15 6.80 -8.21
CA THR B 184 -15.52 6.27 -8.25
C THR B 184 -16.29 6.67 -9.52
N GLU B 185 -15.92 7.79 -10.13
CA GLU B 185 -16.62 8.16 -11.36
C GLU B 185 -15.93 7.76 -12.67
N MSE B 186 -14.68 7.31 -12.61
CA MSE B 186 -13.89 7.10 -13.82
C MSE B 186 -14.38 5.99 -14.77
O MSE B 186 -14.18 6.07 -16.00
CB MSE B 186 -12.41 6.92 -13.49
CG MSE B 186 -12.08 5.71 -12.65
SE MSE B 186 -10.18 5.65 -12.11
CE MSE B 186 -9.25 5.96 -13.78
N GLY B 187 -15.04 4.98 -14.22
CA GLY B 187 -15.52 3.88 -15.03
C GLY B 187 -16.72 4.15 -15.93
N SER B 188 -17.25 5.38 -15.92
CA SER B 188 -18.50 5.67 -16.61
C SER B 188 -18.27 6.34 -17.96
N ALA B 189 -18.58 5.60 -19.03
CA ALA B 189 -18.06 5.85 -20.38
C ALA B 189 -19.10 6.49 -21.34
N PRO B 190 -18.63 7.23 -22.37
CA PRO B 190 -17.25 7.47 -22.84
C PRO B 190 -16.61 8.76 -22.32
NA NA C . 8.06 -19.43 4.68
NA NA D . 1.34 -16.49 12.80
NA NA E . 16.44 -14.91 11.57
C1 EDO F . 2.85 -19.67 23.51
O1 EDO F . 2.19 -20.34 22.44
C2 EDO F . 4.24 -19.46 22.97
O2 EDO F . 5.04 -18.80 23.93
C1 EDO G . 1.00 -21.67 6.17
O1 EDO G . 2.16 -20.86 5.81
C2 EDO G . -0.29 -21.00 6.69
O2 EDO G . -1.03 -20.10 5.80
NA NA H . 9.39 15.99 -13.14
NA NA I . 1.81 10.58 -7.47
NA NA J . 0.36 20.90 -18.63
NA NA K . 5.77 24.68 -5.03
#